data_2XCF
#
_entry.id   2XCF
#
_cell.length_a   225.889
_cell.length_b   225.889
_cell.length_c   75.196
_cell.angle_alpha   90.00
_cell.angle_beta   90.00
_cell.angle_gamma   120.00
#
_symmetry.space_group_name_H-M   'H 3 2'
#
loop_
_entity.id
_entity.type
_entity.pdbx_description
1 polymer 'NS3 PROTEASE'
2 polymer NS4A
3 non-polymer 'ZINC ION'
4 non-polymer 'MAGNESIUM ION'
5 non-polymer 'CYCLOPENTYL N-[(2S)-1-[(2S,4R)-2-[[(4R)-8-HYDROXY-1,6,10-TRIOXA-5$L^{4}-BORASPIRO[4.5]DECAN-4-YL]CARBAMOYL]-4-ISOQUINOLIN-1-YLOXY-PYRROLIDIN-1-YL]-3,3-DIMETHYL-1-OXO-BUTAN-2-YL]CARBAMATE'
6 water water
#
loop_
_entity_poly.entity_id
_entity_poly.type
_entity_poly.pdbx_seq_one_letter_code
_entity_poly.pdbx_strand_id
1 'polypeptide(L)'
;ASMTGGQQMGAPITAYAQQTRGLLGCIITSLTGRDKNQVEGEVQIVSTATQTFLATCINGVCWTVYHGAGTRTIASPKGP
VIQMYTNVDQDLVGWPAPQGSRSLTPCTCGSSDLYLVTRHADVIPVRRRGDSRGSLLSPRPISYLKGSAGGPLLCPAGHA
VGLFRAAVCTRGVAKAVDFIPVENLETTMRGSHHHHHH
;
A,B
2 'polypeptide(L)' KKGSVVIVGRIVLSGKPAIIPKK C,D
#
loop_
_chem_comp.id
_chem_comp.type
_chem_comp.name
_chem_comp.formula
BBQ non-polymer 'CYCLOPENTYL N-[(2S)-1-[(2S,4R)-2-[[(4R)-8-HYDROXY-1,6,10-TRIOXA-5$L^{4}-BORASPIRO[4.5]DECAN-4-YL]CARBAMOYL]-4-ISOQUINOLIN-1-YLOXY-PYRROLIDIN-1-YL]-3,3-DIMETHYL-1-OXO-BUTAN-2-YL]CARBAMATE' 'C32 H44 B N4 O9'
MG non-polymer 'MAGNESIUM ION' 'Mg 2'
ZN non-polymer 'ZINC ION' 'Zn 2'
#
# COMPACT_ATOMS: atom_id res chain seq x y z
N ALA A 11 5.54 -8.38 1.17
CA ALA A 11 4.29 -8.82 0.43
C ALA A 11 3.26 -9.43 1.35
N PRO A 12 1.99 -8.97 1.23
CA PRO A 12 1.64 -7.91 0.27
C PRO A 12 2.30 -6.59 0.66
N ILE A 13 2.64 -5.82 -0.36
CA ILE A 13 3.21 -4.51 -0.13
C ILE A 13 2.09 -3.60 0.30
N THR A 14 2.22 -3.00 1.48
CA THR A 14 1.31 -1.94 1.86
C THR A 14 2.08 -0.83 2.55
N ALA A 15 1.48 0.37 2.48
CA ALA A 15 2.16 1.62 2.85
C ALA A 15 1.24 2.63 3.50
N TYR A 16 1.78 3.34 4.49
CA TYR A 16 1.09 4.50 5.02
C TYR A 16 2.01 5.73 5.08
N ALA A 17 1.41 6.95 5.04
CA ALA A 17 2.18 8.21 5.17
C ALA A 17 1.93 8.95 6.50
N GLN A 18 2.93 9.64 7.01
CA GLN A 18 2.77 10.53 8.17
C GLN A 18 3.52 11.83 7.90
N GLN A 19 2.87 12.96 8.16
CA GLN A 19 3.47 14.27 8.03
C GLN A 19 4.11 14.61 9.37
N THR A 20 5.37 15.04 9.35
CA THR A 20 6.07 15.32 10.60
C THR A 20 6.38 16.79 10.83
N ARG A 21 6.18 17.62 9.80
CA ARG A 21 6.52 19.05 9.82
C ARG A 21 5.57 19.86 8.97
N GLY A 22 5.29 21.09 9.42
CA GLY A 22 4.53 22.04 8.61
C GLY A 22 5.45 23.03 7.90
N LEU A 23 4.84 23.87 7.06
CA LEU A 23 5.53 24.89 6.27
C LEU A 23 6.59 25.69 7.03
N LEU A 24 6.17 26.36 8.08
CA LEU A 24 7.09 27.19 8.84
C LEU A 24 8.31 26.45 9.39
N GLY A 25 8.08 25.30 10.03
CA GLY A 25 9.17 24.52 10.61
C GLY A 25 10.12 23.99 9.55
N CYS A 26 9.59 23.75 8.36
CA CYS A 26 10.40 23.25 7.28
C CYS A 26 11.40 24.36 6.88
N ILE A 27 10.85 25.53 6.58
CA ILE A 27 11.67 26.71 6.27
C ILE A 27 12.73 26.95 7.34
N ILE A 28 12.32 27.04 8.58
CA ILE A 28 13.32 27.31 9.61
C ILE A 28 14.41 26.25 9.62
N THR A 29 13.99 24.98 9.58
CA THR A 29 14.93 23.84 9.58
C THR A 29 15.80 23.84 8.31
N SER A 30 15.21 24.20 7.19
CA SER A 30 15.99 24.37 5.97
C SER A 30 17.20 25.33 6.13
N LEU A 31 16.98 26.50 6.73
CA LEU A 31 18.06 27.49 6.89
C LEU A 31 19.06 27.08 7.95
N THR A 32 18.58 26.58 9.08
CA THR A 32 19.48 26.18 10.16
C THR A 32 20.25 24.91 9.84
N GLY A 33 19.63 24.05 9.01
CA GLY A 33 20.10 22.69 8.76
C GLY A 33 20.12 21.78 9.98
N ARG A 34 19.44 22.19 11.06
CA ARG A 34 19.40 21.39 12.28
C ARG A 34 17.99 20.82 12.48
N ASP A 35 17.91 19.50 12.51
CA ASP A 35 16.64 18.76 12.62
C ASP A 35 16.72 17.77 13.76
N LYS A 36 15.97 18.05 14.82
CA LYS A 36 15.94 17.20 16.02
C LYS A 36 14.83 16.11 16.01
N ASN A 37 13.93 16.15 15.02
CA ASN A 37 12.85 15.15 14.85
C ASN A 37 13.34 13.71 14.74
N GLN A 38 12.54 12.77 15.25
CA GLN A 38 12.88 11.34 15.15
C GLN A 38 12.51 10.84 13.75
N VAL A 39 13.35 9.96 13.23
CA VAL A 39 13.18 9.41 11.88
C VAL A 39 12.77 7.95 11.91
N GLU A 40 11.70 7.64 11.17
CA GLU A 40 11.27 6.25 11.02
C GLU A 40 10.96 5.95 9.56
N GLY A 41 10.87 4.67 9.20
CA GLY A 41 10.42 4.27 7.87
C GLY A 41 11.55 4.17 6.85
N GLU A 42 11.18 3.66 5.67
CA GLU A 42 12.09 3.38 4.59
C GLU A 42 12.18 4.51 3.59
N VAL A 43 11.10 5.27 3.48
CA VAL A 43 11.00 6.35 2.50
C VAL A 43 10.72 7.66 3.24
N GLN A 44 11.50 8.69 2.94
CA GLN A 44 11.34 9.99 3.58
C GLN A 44 10.68 10.95 2.60
N ILE A 45 9.66 11.67 3.06
CA ILE A 45 9.11 12.76 2.27
C ILE A 45 9.97 13.99 2.51
N VAL A 46 10.43 14.58 1.42
CA VAL A 46 11.46 15.65 1.57
C VAL A 46 11.11 16.93 0.82
N SER A 47 11.56 18.04 1.39
CA SER A 47 11.26 19.33 0.79
C SER A 47 12.45 20.25 0.76
N THR A 48 12.48 21.07 -0.28
CA THR A 48 13.30 22.30 -0.32
C THR A 48 12.35 23.48 -0.30
N ALA A 49 12.92 24.68 -0.43
CA ALA A 49 12.13 25.91 -0.59
C ALA A 49 11.11 25.84 -1.75
N THR A 50 11.41 25.09 -2.80
CA THR A 50 10.59 25.12 -4.05
C THR A 50 10.02 23.76 -4.50
N GLN A 51 10.52 22.68 -3.95
CA GLN A 51 10.12 21.35 -4.40
C GLN A 51 9.95 20.37 -3.25
N THR A 52 8.95 19.53 -3.38
CA THR A 52 8.80 18.38 -2.48
C THR A 52 8.80 17.10 -3.30
N PHE A 53 9.44 16.06 -2.74
CA PHE A 53 9.69 14.81 -3.45
C PHE A 53 10.08 13.75 -2.42
N LEU A 54 10.64 12.61 -2.88
CA LEU A 54 10.90 11.45 -2.00
C LEU A 54 12.37 11.02 -1.93
N ALA A 55 12.75 10.42 -0.81
CA ALA A 55 14.08 9.85 -0.70
C ALA A 55 13.96 8.45 -0.15
N THR A 56 14.62 7.48 -0.78
CA THR A 56 14.46 6.10 -0.37
C THR A 56 15.78 5.57 0.21
N CYS A 57 15.72 4.96 1.38
CA CYS A 57 16.88 4.34 2.00
C CYS A 57 17.14 2.93 1.49
N ILE A 58 18.28 2.74 0.82
CA ILE A 58 18.74 1.43 0.34
C ILE A 58 20.19 1.19 0.76
N ASN A 59 20.41 0.10 1.50
CA ASN A 59 21.74 -0.29 2.02
C ASN A 59 22.46 0.81 2.78
N GLY A 60 21.78 1.36 3.76
CA GLY A 60 22.38 2.35 4.64
C GLY A 60 22.54 3.73 4.06
N VAL A 61 22.16 3.91 2.79
CA VAL A 61 22.21 5.23 2.15
C VAL A 61 20.81 5.73 1.76
N CYS A 62 20.58 7.02 1.97
CA CYS A 62 19.35 7.67 1.62
C CYS A 62 19.47 8.35 0.29
N TRP A 63 18.79 7.80 -0.72
CA TRP A 63 18.90 8.22 -2.13
C TRP A 63 17.71 9.07 -2.59
N THR A 64 17.96 9.98 -3.53
CA THR A 64 16.88 10.75 -4.14
C THR A 64 17.37 11.29 -5.47
N VAL A 65 16.50 12.05 -6.17
CA VAL A 65 16.82 12.63 -7.48
C VAL A 65 17.59 13.93 -7.39
N TYR A 66 18.54 14.09 -8.30
CA TYR A 66 19.34 15.30 -8.38
C TYR A 66 18.48 16.52 -8.78
N HIS A 67 17.53 16.30 -9.70
CA HIS A 67 16.69 17.39 -10.15
C HIS A 67 15.79 17.98 -9.06
N GLY A 68 15.72 17.30 -7.91
CA GLY A 68 15.05 17.86 -6.76
C GLY A 68 16.01 18.34 -5.70
N ALA A 69 17.02 17.55 -5.37
CA ALA A 69 17.95 17.93 -4.29
C ALA A 69 19.09 18.90 -4.70
N GLY A 70 19.42 18.96 -6.00
CA GLY A 70 20.68 19.60 -6.45
C GLY A 70 21.85 19.08 -5.62
N THR A 71 22.73 19.97 -5.16
CA THR A 71 23.90 19.57 -4.38
C THR A 71 23.69 19.81 -2.87
N ARG A 72 22.42 20.02 -2.49
CA ARG A 72 22.09 20.46 -1.14
C ARG A 72 22.47 19.48 -0.06
N THR A 73 22.70 20.02 1.13
CA THR A 73 22.85 19.19 2.30
C THR A 73 21.44 18.71 2.75
N ILE A 74 21.44 17.75 3.67
CA ILE A 74 20.22 17.36 4.35
C ILE A 74 20.31 17.77 5.82
N ALA A 75 19.23 18.38 6.33
CA ALA A 75 19.16 18.73 7.76
C ALA A 75 19.19 17.48 8.61
N SER A 76 19.92 17.52 9.73
CA SER A 76 20.06 16.37 10.60
C SER A 76 20.18 16.82 12.06
N PRO A 77 20.21 15.88 13.03
CA PRO A 77 20.29 16.31 14.42
C PRO A 77 21.59 17.04 14.74
N LYS A 78 22.59 16.92 13.87
CA LYS A 78 23.91 17.51 14.13
C LYS A 78 24.25 18.62 13.14
N GLY A 79 23.21 19.20 12.55
CA GLY A 79 23.39 20.21 11.52
C GLY A 79 23.41 19.58 10.15
N PRO A 80 23.71 20.38 9.11
CA PRO A 80 23.67 19.88 7.74
C PRO A 80 24.68 18.77 7.50
N VAL A 81 24.32 17.85 6.61
CA VAL A 81 25.11 16.69 6.25
C VAL A 81 25.27 16.73 4.73
N ILE A 82 26.50 16.52 4.29
CA ILE A 82 26.87 16.67 2.90
C ILE A 82 26.56 15.37 2.15
N GLN A 83 26.20 15.48 0.87
CA GLN A 83 25.98 14.29 0.05
C GLN A 83 27.20 13.39 0.06
N MET A 84 26.98 12.08 0.09
CA MET A 84 28.05 11.10 -0.11
C MET A 84 28.26 10.81 -1.58
N TYR A 85 27.19 10.90 -2.38
CA TYR A 85 27.24 10.57 -3.81
C TYR A 85 26.48 11.57 -4.63
N THR A 86 26.99 11.89 -5.80
CA THR A 86 26.33 12.84 -6.70
C THR A 86 26.64 12.37 -8.11
N ASN A 87 25.60 12.27 -8.93
CA ASN A 87 25.75 11.81 -10.30
C ASN A 87 24.65 12.46 -11.16
N VAL A 88 24.97 13.66 -11.65
CA VAL A 88 24.09 14.50 -12.45
C VAL A 88 23.51 13.77 -13.66
N ASP A 89 24.33 12.97 -14.34
CA ASP A 89 23.87 12.28 -15.54
C ASP A 89 22.75 11.32 -15.19
N GLN A 90 22.98 10.49 -14.16
CA GLN A 90 22.01 9.50 -13.71
C GLN A 90 20.81 10.11 -12.96
N ASP A 91 20.91 11.39 -12.61
CA ASP A 91 19.91 12.16 -11.86
C ASP A 91 19.79 11.65 -10.42
N LEU A 92 20.94 11.39 -9.81
CA LEU A 92 20.98 10.66 -8.57
C LEU A 92 21.86 11.31 -7.49
N VAL A 93 21.42 11.26 -6.24
CA VAL A 93 22.13 11.87 -5.12
C VAL A 93 21.96 10.92 -3.95
N GLY A 94 22.92 10.89 -3.02
CA GLY A 94 22.79 10.11 -1.80
C GLY A 94 23.45 10.72 -0.58
N TRP A 95 22.82 10.52 0.59
CA TRP A 95 23.36 10.95 1.85
C TRP A 95 23.41 9.71 2.77
N PRO A 96 24.21 9.77 3.84
CA PRO A 96 24.12 8.63 4.75
C PRO A 96 22.69 8.55 5.29
N ALA A 97 22.10 7.35 5.35
CA ALA A 97 20.75 7.18 5.89
C ALA A 97 20.63 7.79 7.28
N PRO A 98 19.60 8.60 7.54
CA PRO A 98 19.37 9.15 8.89
C PRO A 98 19.29 8.09 9.99
N GLN A 99 19.74 8.43 11.20
CA GLN A 99 19.56 7.55 12.35
C GLN A 99 18.08 7.29 12.55
N GLY A 100 17.74 6.02 12.72
CA GLY A 100 16.34 5.59 12.92
C GLY A 100 15.62 5.10 11.65
N SER A 101 16.06 5.52 10.47
CA SER A 101 15.45 5.04 9.23
C SER A 101 15.74 3.56 9.06
N ARG A 102 15.15 2.97 8.04
CA ARG A 102 15.27 1.53 7.83
C ARG A 102 15.49 1.38 6.33
N SER A 103 16.36 0.45 5.94
CA SER A 103 16.74 0.37 4.57
C SER A 103 16.04 -0.77 3.88
N LEU A 104 15.73 -0.57 2.60
CA LEU A 104 15.38 -1.64 1.70
C LEU A 104 16.62 -2.34 1.18
N THR A 105 16.40 -3.49 0.59
CA THR A 105 17.44 -4.33 0.02
C THR A 105 17.24 -4.37 -1.49
N PRO A 106 18.33 -4.27 -2.29
CA PRO A 106 18.20 -4.41 -3.73
C PRO A 106 17.65 -5.79 -4.09
N CYS A 107 16.93 -5.86 -5.20
CA CYS A 107 16.25 -7.07 -5.61
C CYS A 107 17.15 -7.92 -6.48
N THR A 108 17.06 -9.23 -6.24
CA THR A 108 17.86 -10.26 -6.91
C THR A 108 16.99 -11.44 -7.52
N CYS A 109 15.70 -11.18 -7.76
CA CYS A 109 14.82 -12.16 -8.41
C CYS A 109 14.70 -11.87 -9.92
N GLY A 110 15.22 -10.72 -10.35
CA GLY A 110 15.12 -10.26 -11.74
C GLY A 110 13.70 -10.16 -12.31
N SER A 111 12.68 -10.18 -11.43
CA SER A 111 11.25 -10.12 -11.80
C SER A 111 10.85 -8.96 -12.72
N SER A 112 9.71 -9.13 -13.39
CA SER A 112 9.23 -8.10 -14.30
C SER A 112 7.95 -7.41 -13.84
N ASP A 113 7.41 -7.86 -12.71
CA ASP A 113 6.26 -7.19 -12.10
C ASP A 113 6.75 -6.24 -11.03
N LEU A 114 6.57 -4.95 -11.25
CA LEU A 114 7.02 -3.96 -10.29
C LEU A 114 5.87 -3.21 -9.63
N TYR A 115 6.16 -2.63 -8.48
CA TYR A 115 5.19 -1.85 -7.74
C TYR A 115 5.81 -0.52 -7.30
N LEU A 116 5.29 0.57 -7.84
CA LEU A 116 5.71 1.93 -7.47
C LEU A 116 4.99 2.46 -6.24
N VAL A 117 5.74 2.99 -5.30
CA VAL A 117 5.18 3.59 -4.10
C VAL A 117 5.24 5.09 -4.27
N THR A 118 4.09 5.76 -4.19
CA THR A 118 3.99 7.21 -4.41
C THR A 118 4.04 7.99 -3.09
N ARG A 119 4.17 9.32 -3.15
CA ARG A 119 4.15 10.14 -1.94
C ARG A 119 2.81 10.10 -1.19
N HIS A 120 1.74 9.69 -1.86
CA HIS A 120 0.46 9.50 -1.18
C HIS A 120 0.35 8.15 -0.45
N ALA A 121 1.41 7.34 -0.50
CA ALA A 121 1.44 5.99 0.09
C ALA A 121 0.55 4.99 -0.65
N ASP A 122 0.31 5.23 -1.93
CA ASP A 122 -0.35 4.24 -2.75
C ASP A 122 0.71 3.35 -3.38
N VAL A 123 0.30 2.15 -3.77
CA VAL A 123 1.21 1.22 -4.38
C VAL A 123 0.65 0.95 -5.75
N ILE A 124 1.32 1.36 -6.82
CA ILE A 124 0.72 1.17 -8.13
C ILE A 124 1.53 0.20 -9.00
N PRO A 125 0.85 -0.75 -9.67
CA PRO A 125 1.55 -1.80 -10.41
C PRO A 125 2.19 -1.28 -11.69
N VAL A 126 3.34 -1.86 -12.03
CA VAL A 126 4.15 -1.43 -13.17
C VAL A 126 4.72 -2.66 -13.88
N ARG A 127 4.52 -2.71 -15.19
CA ARG A 127 5.05 -3.81 -15.99
C ARG A 127 6.37 -3.38 -16.61
N ARG A 128 7.44 -4.09 -16.25
CA ARG A 128 8.78 -3.74 -16.73
C ARG A 128 8.95 -3.97 -18.23
N ARG A 129 9.48 -2.98 -18.93
CA ARG A 129 9.65 -3.06 -20.39
C ARG A 129 11.02 -2.50 -20.81
N GLY A 130 12.09 -3.04 -20.25
CA GLY A 130 13.41 -2.46 -20.43
C GLY A 130 14.17 -2.30 -19.12
N ASP A 131 15.41 -1.83 -19.22
CA ASP A 131 16.32 -1.73 -18.06
C ASP A 131 15.80 -0.75 -17.01
N SER A 132 15.30 0.38 -17.52
CA SER A 132 14.98 1.53 -16.72
C SER A 132 13.63 2.16 -17.16
N ARG A 133 12.74 1.31 -17.65
CA ARG A 133 11.42 1.72 -18.13
C ARG A 133 10.38 0.68 -17.73
N GLY A 134 9.18 1.16 -17.44
CA GLY A 134 8.04 0.31 -17.11
C GLY A 134 6.74 1.03 -17.41
N SER A 135 5.72 0.28 -17.81
CA SER A 135 4.42 0.89 -18.11
C SER A 135 3.40 0.68 -17.00
N LEU A 136 2.55 1.68 -16.83
CA LEU A 136 1.48 1.59 -15.83
C LEU A 136 0.38 0.63 -16.31
N LEU A 137 -0.20 -0.15 -15.42
CA LEU A 137 -1.30 -1.00 -15.85
C LEU A 137 -2.57 -0.19 -15.93
N SER A 138 -2.60 0.90 -15.18
CA SER A 138 -3.68 1.87 -15.26
C SER A 138 -3.14 3.29 -15.15
N PRO A 139 -3.19 4.04 -16.27
CA PRO A 139 -2.66 5.41 -16.42
C PRO A 139 -3.17 6.39 -15.38
N ARG A 140 -2.41 7.46 -15.16
CA ARG A 140 -2.69 8.36 -14.05
C ARG A 140 -2.46 9.82 -14.45
N PRO A 141 -3.26 10.75 -13.91
CA PRO A 141 -2.90 12.15 -14.15
C PRO A 141 -1.48 12.45 -13.72
N ILE A 142 -0.73 13.14 -14.56
CA ILE A 142 0.63 13.52 -14.22
C ILE A 142 0.72 14.16 -12.83
N SER A 143 -0.29 14.94 -12.46
CA SER A 143 -0.29 15.63 -11.16
C SER A 143 -0.41 14.64 -10.00
N TYR A 144 -0.94 13.46 -10.28
CA TYR A 144 -0.91 12.41 -9.28
C TYR A 144 0.55 12.00 -8.94
N LEU A 145 1.33 11.69 -9.98
CA LEU A 145 2.72 11.26 -9.81
C LEU A 145 3.67 12.37 -9.37
N LYS A 146 3.26 13.62 -9.55
CA LYS A 146 4.12 14.72 -9.19
C LYS A 146 4.52 14.63 -7.72
N GLY A 147 5.80 14.89 -7.46
CA GLY A 147 6.31 14.83 -6.10
C GLY A 147 6.64 13.41 -5.67
N SER A 148 6.56 12.46 -6.60
CA SER A 148 6.94 11.09 -6.28
C SER A 148 8.37 10.66 -6.70
N ALA A 149 9.07 11.47 -7.49
CA ALA A 149 10.46 11.15 -7.87
C ALA A 149 11.32 10.86 -6.63
N GLY A 150 12.19 9.85 -6.74
CA GLY A 150 12.98 9.41 -5.57
C GLY A 150 12.39 8.23 -4.83
N GLY A 151 11.14 7.90 -5.11
CA GLY A 151 10.49 6.80 -4.45
C GLY A 151 10.79 5.47 -5.13
N PRO A 152 10.56 4.36 -4.39
CA PRO A 152 11.00 3.03 -4.84
C PRO A 152 10.05 2.35 -5.80
N LEU A 153 10.65 1.62 -6.74
CA LEU A 153 9.92 0.55 -7.45
C LEU A 153 10.36 -0.73 -6.80
N LEU A 154 9.37 -1.54 -6.44
CA LEU A 154 9.60 -2.77 -5.71
C LEU A 154 9.22 -4.03 -6.52
N CYS A 155 9.89 -5.14 -6.22
CA CYS A 155 9.54 -6.42 -6.79
C CYS A 155 8.46 -7.01 -5.88
N PRO A 156 7.87 -8.16 -6.28
CA PRO A 156 6.84 -8.73 -5.43
C PRO A 156 7.31 -9.02 -4.02
N ALA A 157 8.61 -9.15 -3.77
CA ALA A 157 9.03 -9.48 -2.40
C ALA A 157 9.34 -8.24 -1.56
N GLY A 158 9.11 -7.05 -2.11
CA GLY A 158 9.38 -5.81 -1.39
C GLY A 158 10.83 -5.39 -1.36
N HIS A 159 11.64 -5.93 -2.27
CA HIS A 159 13.02 -5.48 -2.43
C HIS A 159 13.08 -4.41 -3.52
N ALA A 160 14.10 -3.56 -3.45
CA ALA A 160 14.18 -2.40 -4.31
C ALA A 160 14.73 -2.71 -5.72
N VAL A 161 14.01 -2.32 -6.76
CA VAL A 161 14.43 -2.51 -8.16
C VAL A 161 14.93 -1.19 -8.79
N GLY A 162 14.41 -0.06 -8.34
CA GLY A 162 14.74 1.22 -8.96
C GLY A 162 14.13 2.40 -8.24
N LEU A 163 14.46 3.59 -8.71
CA LEU A 163 13.96 4.79 -8.12
C LEU A 163 13.32 5.58 -9.22
N PHE A 164 12.06 5.98 -8.97
CA PHE A 164 11.27 6.77 -9.90
C PHE A 164 12.00 8.06 -10.25
N ARG A 165 12.24 8.28 -11.54
CA ARG A 165 12.92 9.49 -12.05
C ARG A 165 11.96 10.38 -12.88
N ALA A 166 11.26 9.77 -13.83
CA ALA A 166 10.46 10.57 -14.75
C ALA A 166 9.25 9.80 -15.27
N ALA A 167 8.21 10.56 -15.58
CA ALA A 167 7.00 10.00 -16.14
C ALA A 167 6.96 10.20 -17.64
N VAL A 168 6.52 9.16 -18.35
CA VAL A 168 6.18 9.23 -19.77
C VAL A 168 4.74 9.71 -19.90
N CYS A 169 4.58 10.98 -20.27
CA CYS A 169 3.28 11.67 -20.21
C CYS A 169 2.83 12.24 -21.58
N THR A 170 1.51 12.45 -21.71
CA THR A 170 0.84 12.84 -22.95
C THR A 170 -0.51 13.46 -22.59
N ARG A 171 -0.70 14.73 -22.93
CA ARG A 171 -1.92 15.45 -22.59
C ARG A 171 -2.16 15.53 -21.07
N GLY A 172 -1.09 15.36 -20.28
CA GLY A 172 -1.22 15.32 -18.82
C GLY A 172 -1.54 13.93 -18.28
N VAL A 173 -1.45 12.90 -19.11
CA VAL A 173 -1.65 11.54 -18.64
C VAL A 173 -0.39 10.68 -18.75
N ALA A 174 0.10 10.25 -17.60
CA ALA A 174 1.26 9.38 -17.49
C ALA A 174 0.87 7.95 -17.82
N LYS A 175 1.53 7.36 -18.83
CA LYS A 175 1.29 5.99 -19.29
C LYS A 175 2.41 5.05 -18.87
N ALA A 176 3.59 5.60 -18.65
CA ALA A 176 4.74 4.80 -18.27
C ALA A 176 5.67 5.60 -17.37
N VAL A 177 6.65 4.92 -16.80
CA VAL A 177 7.60 5.57 -15.89
C VAL A 177 9.04 5.19 -16.23
N ASP A 178 9.92 6.17 -16.07
CA ASP A 178 11.34 6.01 -16.25
C ASP A 178 11.97 6.06 -14.87
N PHE A 179 12.84 5.11 -14.58
CA PHE A 179 13.43 5.00 -13.24
C PHE A 179 14.91 4.69 -13.28
N ILE A 180 15.61 4.95 -12.18
CA ILE A 180 17.02 4.57 -12.05
C ILE A 180 17.13 3.15 -11.50
N PRO A 181 17.67 2.19 -12.29
CA PRO A 181 17.77 0.80 -11.76
C PRO A 181 18.71 0.74 -10.58
N VAL A 182 18.44 -0.14 -9.61
CA VAL A 182 19.35 -0.30 -8.47
C VAL A 182 20.81 -0.50 -8.89
N GLU A 183 21.05 -1.36 -9.88
CA GLU A 183 22.39 -1.58 -10.45
C GLU A 183 23.19 -0.30 -10.59
N ASN A 184 22.61 0.69 -11.26
CA ASN A 184 23.22 2.02 -11.38
C ASN A 184 23.62 2.69 -10.07
N LEU A 185 23.04 2.26 -8.94
CA LEU A 185 23.40 2.84 -7.65
C LEU A 185 24.76 2.28 -7.29
N GLU A 186 24.86 0.95 -7.42
CA GLU A 186 26.12 0.24 -7.24
C GLU A 186 27.24 0.88 -8.09
N THR A 187 26.95 1.16 -9.35
CA THR A 187 27.90 1.84 -10.23
C THR A 187 28.25 3.25 -9.77
N THR A 188 27.28 3.97 -9.21
CA THR A 188 27.50 5.33 -8.71
C THR A 188 28.34 5.32 -7.40
N MET A 189 28.11 4.31 -6.57
CA MET A 189 28.95 4.09 -5.38
C MET A 189 30.44 3.96 -5.77
N ARG A 190 30.72 3.18 -6.82
CA ARG A 190 32.05 3.06 -7.45
C ARG A 190 32.26 4.15 -8.48
N GLN B 38 -8.05 9.24 14.06
CA GLN B 38 -8.31 9.45 12.60
C GLN B 38 -7.69 8.41 11.65
N VAL B 39 -7.04 7.35 12.17
CA VAL B 39 -6.63 6.20 11.34
C VAL B 39 -7.89 5.49 10.83
N GLU B 40 -7.96 5.23 9.53
CA GLU B 40 -9.09 4.52 8.93
C GLU B 40 -8.79 3.02 8.58
N GLY B 41 -9.78 2.16 8.64
CA GLY B 41 -9.58 0.71 8.31
C GLY B 41 -10.32 0.31 7.05
N GLU B 42 -9.70 -0.49 6.21
CA GLU B 42 -10.39 -0.95 5.00
C GLU B 42 -11.31 -2.12 5.34
N VAL B 43 -11.04 -2.74 6.48
CA VAL B 43 -11.74 -3.96 6.85
C VAL B 43 -12.47 -3.84 8.17
N GLN B 44 -13.74 -4.20 8.14
CA GLN B 44 -14.53 -4.17 9.35
C GLN B 44 -14.75 -5.55 9.91
N ILE B 45 -14.68 -5.62 11.23
CA ILE B 45 -15.08 -6.82 11.93
C ILE B 45 -16.55 -6.61 12.35
N VAL B 46 -17.42 -7.49 11.87
CA VAL B 46 -18.86 -7.33 12.05
C VAL B 46 -19.56 -8.51 12.73
N SER B 47 -20.70 -8.22 13.37
CA SER B 47 -21.50 -9.20 14.11
C SER B 47 -23.00 -9.06 13.90
N THR B 48 -23.66 -10.22 13.82
CA THR B 48 -25.10 -10.38 13.99
C THR B 48 -25.26 -11.03 15.33
N ALA B 49 -26.49 -11.31 15.75
CA ALA B 49 -26.73 -11.90 17.08
C ALA B 49 -26.16 -13.31 17.23
N THR B 50 -25.97 -14.00 16.11
CA THR B 50 -25.50 -15.38 16.13
C THR B 50 -24.14 -15.62 15.46
N GLN B 51 -23.72 -14.70 14.59
CA GLN B 51 -22.49 -14.88 13.82
C GLN B 51 -21.51 -13.72 14.00
N THR B 52 -20.25 -13.95 13.65
CA THR B 52 -19.29 -12.87 13.49
C THR B 52 -18.38 -13.15 12.32
N PHE B 53 -18.10 -12.12 11.52
CA PHE B 53 -17.40 -12.26 10.25
C PHE B 53 -16.80 -10.90 9.86
N LEU B 54 -16.49 -10.71 8.58
CA LEU B 54 -15.84 -9.51 8.17
C LEU B 54 -16.59 -8.79 7.06
N ALA B 55 -16.34 -7.48 6.90
CA ALA B 55 -16.70 -6.79 5.68
C ALA B 55 -15.49 -6.05 5.15
N THR B 56 -15.48 -5.73 3.85
CA THR B 56 -14.35 -5.04 3.22
C THR B 56 -14.90 -3.87 2.42
N CYS B 57 -14.30 -2.69 2.57
CA CYS B 57 -14.70 -1.57 1.70
C CYS B 57 -13.92 -1.48 0.42
N ILE B 58 -14.64 -1.48 -0.69
CA ILE B 58 -14.07 -1.30 -2.03
C ILE B 58 -14.93 -0.32 -2.82
N ASN B 59 -14.32 0.76 -3.33
CA ASN B 59 -15.03 1.74 -4.15
C ASN B 59 -16.24 2.36 -3.45
N GLY B 60 -16.08 2.71 -2.18
CA GLY B 60 -17.13 3.40 -1.42
C GLY B 60 -18.20 2.49 -0.86
N VAL B 61 -18.12 1.19 -1.16
CA VAL B 61 -19.10 0.22 -0.66
C VAL B 61 -18.49 -0.77 0.36
N CYS B 62 -19.22 -1.00 1.44
CA CYS B 62 -18.86 -1.97 2.45
C CYS B 62 -19.51 -3.30 2.07
N TRP B 63 -18.68 -4.25 1.64
CA TRP B 63 -19.17 -5.53 1.11
C TRP B 63 -18.94 -6.68 2.05
N THR B 64 -19.88 -7.63 2.08
CA THR B 64 -19.72 -8.86 2.86
C THR B 64 -20.54 -9.99 2.25
N VAL B 65 -20.59 -11.12 2.94
CA VAL B 65 -21.30 -12.28 2.40
C VAL B 65 -22.79 -12.31 2.83
N TYR B 66 -23.67 -12.52 1.83
CA TYR B 66 -25.09 -12.73 2.08
C TYR B 66 -25.34 -13.82 3.11
N HIS B 67 -24.57 -14.90 3.07
CA HIS B 67 -24.81 -15.98 4.01
C HIS B 67 -24.50 -15.59 5.46
N GLY B 68 -23.96 -14.38 5.66
CA GLY B 68 -23.72 -13.85 7.01
C GLY B 68 -24.70 -12.74 7.35
N ALA B 69 -24.84 -11.78 6.44
CA ALA B 69 -25.61 -10.57 6.73
C ALA B 69 -27.10 -10.73 6.45
N GLY B 70 -27.43 -11.52 5.44
CA GLY B 70 -28.80 -11.64 5.00
C GLY B 70 -29.19 -10.34 4.31
N THR B 71 -30.39 -9.85 4.68
CA THR B 71 -30.94 -8.63 4.09
C THR B 71 -30.79 -7.51 5.09
N ARG B 72 -30.11 -7.83 6.18
CA ARG B 72 -29.93 -6.93 7.29
C ARG B 72 -29.40 -5.54 6.92
N THR B 73 -29.82 -4.56 7.68
CA THR B 73 -29.29 -3.23 7.62
C THR B 73 -27.96 -3.23 8.37
N ILE B 74 -27.14 -2.21 8.18
CA ILE B 74 -25.96 -2.03 9.03
C ILE B 74 -26.19 -0.89 10.01
N ALA B 75 -25.73 -1.07 11.24
CA ALA B 75 -25.89 -0.01 12.26
C ALA B 75 -25.06 1.24 11.95
N SER B 76 -25.54 2.37 12.45
CA SER B 76 -24.86 3.64 12.30
C SER B 76 -25.31 4.52 13.46
N PRO B 77 -24.55 5.55 13.81
CA PRO B 77 -25.02 6.42 14.91
C PRO B 77 -26.34 7.15 14.61
N LYS B 78 -26.80 7.15 13.36
CA LYS B 78 -28.10 7.72 12.96
C LYS B 78 -29.18 6.68 12.70
N GLY B 79 -28.93 5.44 13.14
CA GLY B 79 -29.87 4.33 12.95
C GLY B 79 -29.53 3.51 11.72
N PRO B 80 -30.29 2.42 11.47
CA PRO B 80 -30.01 1.43 10.41
C PRO B 80 -29.82 2.03 9.05
N VAL B 81 -28.93 1.45 8.27
CA VAL B 81 -28.72 1.88 6.89
C VAL B 81 -29.00 0.65 6.03
N ILE B 82 -29.79 0.81 4.98
CA ILE B 82 -30.18 -0.35 4.18
C ILE B 82 -29.09 -0.71 3.18
N GLN B 83 -29.10 -1.96 2.74
CA GLN B 83 -28.22 -2.40 1.68
C GLN B 83 -28.44 -1.59 0.41
N MET B 84 -27.35 -1.26 -0.28
CA MET B 84 -27.41 -0.65 -1.60
C MET B 84 -27.44 -1.73 -2.67
N TYR B 85 -26.85 -2.88 -2.36
CA TYR B 85 -26.79 -4.01 -3.29
C TYR B 85 -27.05 -5.29 -2.51
N THR B 86 -27.79 -6.20 -3.15
CA THR B 86 -28.08 -7.51 -2.60
C THR B 86 -28.11 -8.48 -3.77
N ASN B 87 -27.10 -9.35 -3.85
CA ASN B 87 -26.98 -10.30 -4.94
C ASN B 87 -26.81 -11.71 -4.41
N VAL B 88 -27.93 -12.40 -4.25
CA VAL B 88 -28.01 -13.71 -3.61
C VAL B 88 -27.28 -14.84 -4.39
N ASP B 89 -27.23 -14.71 -5.73
CA ASP B 89 -26.59 -15.75 -6.56
C ASP B 89 -25.11 -15.74 -6.24
N GLN B 90 -24.58 -14.53 -6.15
CA GLN B 90 -23.17 -14.28 -5.89
C GLN B 90 -22.76 -14.37 -4.41
N ASP B 91 -23.73 -14.55 -3.51
CA ASP B 91 -23.50 -14.56 -2.03
C ASP B 91 -22.95 -13.20 -1.52
N LEU B 92 -23.40 -12.13 -2.16
CA LEU B 92 -22.80 -10.83 -2.02
C LEU B 92 -23.80 -9.77 -1.57
N VAL B 93 -23.37 -8.98 -0.60
CA VAL B 93 -24.15 -7.88 -0.06
C VAL B 93 -23.30 -6.61 0.11
N GLY B 94 -23.91 -5.44 -0.08
CA GLY B 94 -23.20 -4.15 0.03
C GLY B 94 -24.01 -3.05 0.68
N TRP B 95 -23.36 -2.33 1.60
CA TRP B 95 -23.90 -1.10 2.20
C TRP B 95 -22.97 0.07 1.89
N PRO B 96 -23.45 1.33 2.01
CA PRO B 96 -22.49 2.45 1.88
C PRO B 96 -21.40 2.34 2.94
N ALA B 97 -20.17 2.73 2.60
CA ALA B 97 -19.05 2.58 3.53
C ALA B 97 -19.28 3.42 4.78
N PRO B 98 -19.03 2.86 5.96
CA PRO B 98 -19.30 3.54 7.24
C PRO B 98 -18.21 4.55 7.61
N GLN B 99 -18.46 5.33 8.65
CA GLN B 99 -17.43 6.14 9.28
C GLN B 99 -16.25 5.32 9.88
N GLY B 100 -15.04 5.84 9.79
CA GLY B 100 -13.86 5.12 10.29
C GLY B 100 -13.23 4.15 9.27
N SER B 101 -13.69 4.23 8.02
CA SER B 101 -13.24 3.33 6.96
C SER B 101 -12.64 4.07 5.76
N ARG B 102 -11.89 3.34 4.94
CA ARG B 102 -11.40 3.80 3.65
C ARG B 102 -11.51 2.62 2.67
N SER B 103 -11.47 2.91 1.39
CA SER B 103 -11.69 1.89 0.38
C SER B 103 -10.39 1.33 -0.17
N LEU B 104 -10.37 0.02 -0.32
CA LEU B 104 -9.42 -0.66 -1.17
C LEU B 104 -9.65 -0.38 -2.65
N THR B 105 -8.54 -0.35 -3.38
CA THR B 105 -8.53 -0.26 -4.82
C THR B 105 -8.55 -1.70 -5.38
N PRO B 106 -9.33 -1.94 -6.43
CA PRO B 106 -9.29 -3.26 -7.09
C PRO B 106 -7.95 -3.57 -7.77
N CYS B 107 -7.55 -4.84 -7.76
CA CYS B 107 -6.34 -5.27 -8.45
C CYS B 107 -6.45 -5.08 -9.95
N THR B 108 -5.41 -4.53 -10.57
CA THR B 108 -5.35 -4.45 -12.01
C THR B 108 -4.12 -5.17 -12.59
N CYS B 109 -3.40 -5.93 -11.77
CA CYS B 109 -2.13 -6.55 -12.20
C CYS B 109 -2.23 -8.02 -12.58
N GLY B 110 -3.41 -8.60 -12.38
CA GLY B 110 -3.69 -9.98 -12.75
C GLY B 110 -2.78 -11.03 -12.14
N SER B 111 -2.13 -10.71 -11.02
CA SER B 111 -1.25 -11.68 -10.35
C SER B 111 -2.00 -12.87 -9.77
N SER B 112 -1.27 -13.95 -9.52
CA SER B 112 -1.87 -15.16 -8.98
C SER B 112 -1.38 -15.44 -7.58
N ASP B 113 -0.50 -14.58 -7.09
CA ASP B 113 -0.08 -14.65 -5.71
C ASP B 113 -0.99 -13.78 -4.84
N LEU B 114 -1.80 -14.43 -4.01
CA LEU B 114 -2.81 -13.75 -3.24
C LEU B 114 -2.49 -13.84 -1.78
N TYR B 115 -3.15 -13.00 -0.98
CA TYR B 115 -2.95 -12.97 0.44
C TYR B 115 -4.29 -12.71 1.08
N LEU B 116 -4.71 -13.64 1.91
CA LEU B 116 -5.96 -13.53 2.60
C LEU B 116 -5.68 -12.95 3.97
N VAL B 117 -6.53 -12.03 4.39
CA VAL B 117 -6.39 -11.43 5.70
C VAL B 117 -7.56 -11.89 6.53
N THR B 118 -7.28 -12.30 7.76
CA THR B 118 -8.27 -12.92 8.61
C THR B 118 -8.72 -11.93 9.69
N ARG B 119 -9.75 -12.30 10.44
CA ARG B 119 -10.28 -11.44 11.49
C ARG B 119 -9.26 -11.20 12.60
N HIS B 120 -8.20 -12.00 12.63
CA HIS B 120 -7.13 -11.78 13.64
C HIS B 120 -5.98 -10.94 13.09
N ALA B 121 -6.13 -10.51 11.84
CA ALA B 121 -5.11 -9.78 11.09
C ALA B 121 -3.91 -10.63 10.69
N ASP B 122 -4.08 -11.96 10.63
CA ASP B 122 -3.03 -12.82 10.09
C ASP B 122 -3.09 -12.74 8.58
N VAL B 123 -1.96 -12.94 7.93
CA VAL B 123 -1.90 -12.96 6.47
C VAL B 123 -1.53 -14.34 5.97
N ILE B 124 -2.36 -14.89 5.09
CA ILE B 124 -2.23 -16.26 4.64
C ILE B 124 -2.06 -16.23 3.14
N PRO B 125 -0.88 -16.69 2.66
CA PRO B 125 -0.61 -16.77 1.22
C PRO B 125 -1.43 -17.85 0.49
N VAL B 126 -1.87 -17.50 -0.72
CA VAL B 126 -2.80 -18.29 -1.46
C VAL B 126 -2.37 -18.22 -2.92
N ARG B 127 -2.34 -19.36 -3.59
CA ARG B 127 -2.09 -19.38 -5.02
C ARG B 127 -3.46 -19.47 -5.68
N ARG B 128 -3.68 -18.59 -6.65
CA ARG B 128 -4.93 -18.55 -7.41
C ARG B 128 -4.98 -19.70 -8.39
N ARG B 129 -6.09 -20.44 -8.41
CA ARG B 129 -6.25 -21.51 -9.38
C ARG B 129 -7.20 -21.09 -10.49
N GLY B 130 -8.48 -20.97 -10.18
CA GLY B 130 -9.45 -20.48 -11.15
C GLY B 130 -9.97 -19.08 -10.83
N ASP B 131 -11.07 -18.70 -11.48
CA ASP B 131 -11.68 -17.38 -11.31
C ASP B 131 -11.97 -17.07 -9.85
N SER B 132 -12.45 -18.08 -9.13
CA SER B 132 -12.98 -17.89 -7.80
C SER B 132 -12.43 -18.88 -6.78
N ARG B 133 -11.30 -19.47 -7.09
CA ARG B 133 -10.70 -20.46 -6.20
C ARG B 133 -9.23 -20.17 -6.02
N GLY B 134 -8.72 -20.45 -4.82
CA GLY B 134 -7.28 -20.47 -4.61
C GLY B 134 -6.95 -21.43 -3.50
N SER B 135 -5.69 -21.89 -3.45
CA SER B 135 -5.26 -22.85 -2.44
C SER B 135 -4.15 -22.29 -1.55
N LEU B 136 -4.22 -22.61 -0.27
CA LEU B 136 -3.21 -22.12 0.67
C LEU B 136 -1.83 -22.70 0.36
N LEU B 137 -0.79 -21.90 0.58
CA LEU B 137 0.56 -22.42 0.46
C LEU B 137 0.86 -23.33 1.62
N SER B 138 0.23 -23.06 2.77
CA SER B 138 0.39 -23.85 3.98
C SER B 138 -0.96 -24.04 4.64
N PRO B 139 -1.58 -25.23 4.42
CA PRO B 139 -2.93 -25.50 4.94
C PRO B 139 -3.00 -25.30 6.45
N ARG B 140 -4.15 -24.87 6.97
CA ARG B 140 -4.29 -24.60 8.42
C ARG B 140 -5.57 -25.22 8.92
N PRO B 141 -5.64 -25.49 10.24
CA PRO B 141 -6.89 -25.93 10.83
C PRO B 141 -8.01 -24.94 10.48
N ILE B 142 -9.22 -25.45 10.31
CA ILE B 142 -10.32 -24.58 9.88
C ILE B 142 -10.60 -23.40 10.84
N SER B 143 -10.49 -23.64 12.15
CA SER B 143 -10.68 -22.59 13.16
C SER B 143 -9.78 -21.34 12.94
N TYR B 144 -8.68 -21.51 12.21
CA TYR B 144 -7.80 -20.39 11.90
C TYR B 144 -8.47 -19.41 10.95
N LEU B 145 -9.31 -19.92 10.04
CA LEU B 145 -10.04 -19.07 9.09
C LEU B 145 -11.45 -18.69 9.54
N LYS B 146 -11.90 -19.27 10.65
CA LYS B 146 -13.27 -19.10 11.08
C LYS B 146 -13.55 -17.63 11.40
N GLY B 147 -14.69 -17.14 10.91
CA GLY B 147 -15.10 -15.77 11.14
C GLY B 147 -14.43 -14.73 10.25
N SER B 148 -13.85 -15.14 9.12
CA SER B 148 -13.11 -14.26 8.22
C SER B 148 -13.78 -14.07 6.90
N ALA B 149 -14.92 -14.72 6.71
CA ALA B 149 -15.67 -14.57 5.46
C ALA B 149 -16.06 -13.10 5.31
N GLY B 150 -15.87 -12.53 4.13
CA GLY B 150 -16.13 -11.09 3.95
C GLY B 150 -14.82 -10.31 3.88
N GLY B 151 -13.73 -11.00 4.22
CA GLY B 151 -12.41 -10.40 4.24
C GLY B 151 -11.78 -10.33 2.87
N PRO B 152 -10.67 -9.61 2.74
CA PRO B 152 -10.23 -9.45 1.36
C PRO B 152 -9.21 -10.52 0.95
N LEU B 153 -9.11 -10.77 -0.36
CA LEU B 153 -7.93 -11.37 -0.91
C LEU B 153 -7.18 -10.31 -1.65
N LEU B 154 -5.90 -10.15 -1.29
CA LEU B 154 -5.03 -9.12 -1.83
C LEU B 154 -4.02 -9.67 -2.79
N CYS B 155 -3.63 -8.84 -3.77
CA CYS B 155 -2.51 -9.15 -4.63
C CYS B 155 -1.20 -8.60 -3.99
N PRO B 156 -0.04 -8.77 -4.66
CA PRO B 156 1.23 -8.25 -4.08
C PRO B 156 1.23 -6.74 -3.84
N ALA B 157 0.38 -6.04 -4.59
CA ALA B 157 0.25 -4.59 -4.45
C ALA B 157 -0.66 -4.17 -3.28
N GLY B 158 -1.32 -5.14 -2.65
CA GLY B 158 -2.29 -4.79 -1.62
C GLY B 158 -3.66 -4.38 -2.18
N HIS B 159 -3.89 -4.60 -3.46
CA HIS B 159 -5.17 -4.25 -4.08
C HIS B 159 -6.12 -5.42 -3.95
N ALA B 160 -7.42 -5.21 -4.17
CA ALA B 160 -8.42 -6.23 -3.89
C ALA B 160 -8.57 -7.16 -5.08
N VAL B 161 -8.49 -8.46 -4.83
CA VAL B 161 -8.67 -9.45 -5.90
C VAL B 161 -10.07 -10.08 -5.75
N GLY B 162 -10.51 -10.23 -4.52
CA GLY B 162 -11.78 -10.85 -4.22
C GLY B 162 -12.17 -10.74 -2.77
N LEU B 163 -13.37 -11.21 -2.46
CA LEU B 163 -13.81 -11.29 -1.08
C LEU B 163 -13.87 -12.75 -0.72
N PHE B 164 -13.24 -13.11 0.38
CA PHE B 164 -13.27 -14.46 0.88
C PHE B 164 -14.71 -14.88 1.13
N ARG B 165 -15.16 -15.90 0.40
CA ARG B 165 -16.52 -16.45 0.52
CA ARG B 165 -16.52 -16.43 0.53
C ARG B 165 -16.58 -17.64 1.49
N ALA B 166 -15.71 -18.65 1.29
CA ALA B 166 -15.68 -19.86 2.18
C ALA B 166 -14.43 -20.74 2.09
N ALA B 167 -14.11 -21.34 3.24
CA ALA B 167 -13.02 -22.29 3.36
C ALA B 167 -13.41 -23.60 2.65
N VAL B 168 -12.49 -24.10 1.84
CA VAL B 168 -12.64 -25.41 1.22
C VAL B 168 -11.91 -26.44 2.08
N CYS B 169 -12.68 -27.28 2.76
CA CYS B 169 -12.20 -28.15 3.83
C CYS B 169 -12.09 -29.66 3.58
N THR B 170 -11.01 -30.25 4.09
CA THR B 170 -10.85 -31.68 4.15
C THR B 170 -10.55 -32.05 5.59
N ARG B 171 -11.54 -32.63 6.27
CA ARG B 171 -11.35 -33.17 7.63
C ARG B 171 -10.72 -32.15 8.60
N GLY B 172 -11.46 -31.06 8.85
CA GLY B 172 -11.02 -29.98 9.72
C GLY B 172 -9.81 -29.14 9.27
N VAL B 173 -9.39 -29.29 8.01
CA VAL B 173 -8.20 -28.63 7.52
C VAL B 173 -8.53 -27.86 6.26
N ALA B 174 -8.33 -26.54 6.31
CA ALA B 174 -8.63 -25.69 5.17
C ALA B 174 -7.43 -25.71 4.24
N LYS B 175 -7.66 -26.11 3.00
CA LYS B 175 -6.59 -26.32 2.03
C LYS B 175 -6.78 -25.38 0.86
N ALA B 176 -7.99 -24.91 0.70
CA ALA B 176 -8.27 -23.99 -0.38
C ALA B 176 -9.31 -22.97 0.08
N VAL B 177 -9.58 -22.00 -0.79
CA VAL B 177 -10.57 -20.97 -0.50
C VAL B 177 -11.44 -20.71 -1.69
N ASP B 178 -12.70 -20.47 -1.38
CA ASP B 178 -13.60 -19.99 -2.38
C ASP B 178 -13.76 -18.46 -2.19
N PHE B 179 -13.71 -17.70 -3.28
CA PHE B 179 -13.89 -16.27 -3.15
C PHE B 179 -14.71 -15.62 -4.27
N ILE B 180 -15.28 -14.46 -3.96
CA ILE B 180 -16.01 -13.64 -4.93
C ILE B 180 -15.06 -12.71 -5.71
N PRO B 181 -14.86 -12.99 -7.01
CA PRO B 181 -13.91 -12.10 -7.71
C PRO B 181 -14.41 -10.66 -7.74
N VAL B 182 -13.47 -9.73 -7.65
CA VAL B 182 -13.76 -8.30 -7.61
C VAL B 182 -14.51 -7.75 -8.84
N GLU B 183 -14.32 -8.38 -10.01
CA GLU B 183 -15.10 -8.08 -11.21
C GLU B 183 -16.60 -8.14 -10.92
N ASN B 184 -17.04 -9.18 -10.21
CA ASN B 184 -18.42 -9.34 -9.83
C ASN B 184 -18.96 -8.20 -8.98
N LEU B 185 -18.10 -7.59 -8.16
CA LEU B 185 -18.52 -6.44 -7.38
C LEU B 185 -18.68 -5.27 -8.34
N GLU B 186 -17.70 -5.09 -9.22
CA GLU B 186 -17.73 -4.03 -10.21
C GLU B 186 -18.98 -4.09 -11.12
N THR B 187 -19.42 -5.27 -11.50
CA THR B 187 -20.60 -5.37 -12.38
C THR B 187 -21.91 -5.23 -11.58
N THR B 188 -21.96 -5.79 -10.37
CA THR B 188 -23.08 -5.59 -9.45
C THR B 188 -23.43 -4.11 -9.29
N MET B 189 -22.41 -3.27 -9.18
CA MET B 189 -22.57 -1.81 -9.11
C MET B 189 -23.17 -1.20 -10.40
N ARG B 190 -23.25 -1.99 -11.47
CA ARG B 190 -23.70 -1.50 -12.78
C ARG B 190 -24.97 -2.22 -13.26
N LYS C 2 21.79 28.60 -0.29
CA LYS C 2 20.83 27.45 -0.58
C LYS C 2 20.50 26.64 0.67
N GLY C 3 19.20 26.43 0.89
CA GLY C 3 18.76 25.73 2.10
C GLY C 3 19.06 24.23 2.06
N SER C 4 19.15 23.60 3.22
CA SER C 4 19.17 22.13 3.30
C SER C 4 17.83 21.54 2.83
N VAL C 5 17.91 20.33 2.27
CA VAL C 5 16.74 19.46 2.11
C VAL C 5 16.28 19.08 3.51
N VAL C 6 14.95 19.05 3.70
CA VAL C 6 14.34 18.72 5.00
C VAL C 6 13.32 17.59 4.90
N ILE C 7 13.44 16.64 5.81
CA ILE C 7 12.42 15.63 5.99
C ILE C 7 11.14 16.23 6.59
N VAL C 8 10.08 16.26 5.78
CA VAL C 8 8.78 16.75 6.23
C VAL C 8 7.76 15.65 6.60
N GLY C 9 8.05 14.41 6.21
CA GLY C 9 7.19 13.28 6.49
C GLY C 9 7.89 11.97 6.16
N ARG C 10 7.15 10.88 6.27
CA ARG C 10 7.71 9.57 5.96
C ARG C 10 6.66 8.62 5.42
N ILE C 11 7.11 7.60 4.68
CA ILE C 11 6.29 6.49 4.24
C ILE C 11 6.83 5.15 4.77
N VAL C 12 5.94 4.38 5.42
CA VAL C 12 6.34 3.16 6.11
C VAL C 12 5.81 1.93 5.38
N LEU C 13 6.72 1.09 4.91
CA LEU C 13 6.38 -0.08 4.10
C LEU C 13 6.29 -1.33 4.93
N SER C 14 6.94 -1.30 6.08
CA SER C 14 7.14 -2.50 6.88
C SER C 14 6.03 -2.77 7.87
N GLY C 15 5.01 -1.92 7.90
CA GLY C 15 3.83 -2.18 8.72
C GLY C 15 3.02 -3.32 8.10
N LYS C 16 2.41 -4.09 8.97
CA LYS C 16 1.63 -5.25 8.63
C LYS C 16 0.15 -5.07 9.06
N PRO C 17 -0.80 -5.86 8.50
CA PRO C 17 -2.19 -5.62 8.93
C PRO C 17 -2.36 -5.65 10.43
N ALA C 18 -3.12 -4.73 10.97
CA ALA C 18 -3.37 -4.76 12.41
C ALA C 18 -4.81 -4.39 12.73
N ILE C 19 -5.28 -4.88 13.87
CA ILE C 19 -6.53 -4.48 14.42
C ILE C 19 -6.34 -3.11 15.05
N ILE C 20 -7.20 -2.14 14.72
CA ILE C 20 -7.02 -0.80 15.25
C ILE C 20 -7.40 -0.81 16.73
N PRO C 21 -6.48 -0.38 17.60
CA PRO C 21 -6.79 -0.35 19.03
C PRO C 21 -7.88 0.67 19.39
N LYS C 22 -8.64 0.36 20.44
CA LYS C 22 -9.49 1.34 21.13
C LYS C 22 -8.70 2.12 22.18
N GLY D 3 -32.62 -7.83 13.33
CA GLY D 3 -31.41 -7.12 13.89
C GLY D 3 -30.48 -6.52 12.82
N SER D 4 -29.74 -5.49 13.19
CA SER D 4 -28.67 -4.97 12.29
C SER D 4 -27.35 -5.75 12.37
N VAL D 5 -26.58 -5.73 11.29
CA VAL D 5 -25.15 -6.03 11.38
C VAL D 5 -24.45 -4.87 12.12
N VAL D 6 -23.66 -5.22 13.14
CA VAL D 6 -22.93 -4.25 13.97
C VAL D 6 -21.41 -4.34 13.76
N ILE D 7 -20.72 -3.21 13.77
CA ILE D 7 -19.28 -3.16 13.55
C ILE D 7 -18.59 -3.33 14.91
N VAL D 8 -17.78 -4.38 15.08
CA VAL D 8 -17.15 -4.60 16.41
C VAL D 8 -15.66 -4.24 16.54
N GLY D 9 -15.03 -3.89 15.43
CA GLY D 9 -13.61 -3.55 15.42
C GLY D 9 -13.25 -3.31 13.97
N ARG D 10 -12.00 -2.92 13.73
CA ARG D 10 -11.52 -2.50 12.42
C ARG D 10 -10.08 -2.95 12.18
N ILE D 11 -9.72 -3.19 10.93
CA ILE D 11 -8.39 -3.61 10.60
C ILE D 11 -7.83 -2.69 9.56
N VAL D 12 -6.66 -2.12 9.85
CA VAL D 12 -5.97 -1.25 8.89
C VAL D 12 -4.88 -2.06 8.21
N LEU D 13 -4.95 -2.16 6.89
CA LEU D 13 -4.07 -3.06 6.14
C LEU D 13 -2.59 -2.65 6.15
N SER D 14 -2.30 -1.38 6.37
CA SER D 14 -0.93 -0.88 6.27
C SER D 14 -0.22 -0.95 7.63
N GLY D 15 -0.97 -1.25 8.68
CA GLY D 15 -0.44 -1.19 10.04
C GLY D 15 -0.29 0.20 10.63
N LYS D 16 -0.81 1.24 9.99
CA LYS D 16 -0.73 2.62 10.51
C LYS D 16 -1.25 2.84 11.94
N PRO D 17 -0.38 3.33 12.83
CA PRO D 17 -0.74 3.48 14.25
C PRO D 17 -1.40 4.83 14.54
N ALA D 18 -2.01 4.99 15.72
CA ALA D 18 -2.64 6.28 16.09
C ALA D 18 -1.71 7.23 16.87
ZN ZN E . 13.12 -9.50 -5.84
MG MG F . -1.30 3.06 1.40
O9 BBQ G . 9.78 17.96 -7.89
C32 BBQ G . 9.39 17.05 -8.90
C30 BBQ G . 7.91 16.72 -8.89
O6 BBQ G . 7.75 15.74 -9.89
C31 BBQ G . 10.12 15.73 -8.68
O8 BBQ G . 9.85 14.96 -9.85
B BBQ G . 8.56 14.69 -10.15
O5 BBQ G . 8.15 13.57 -9.51
C20 BBQ G . 7.36 12.66 -10.22
C19 BBQ G . 7.84 12.87 -11.65
C18 BBQ G . 8.36 14.32 -11.68
N3 BBQ G . 9.65 14.35 -12.33
C17 BBQ G . 9.93 15.20 -13.34
O4 BBQ G . 9.30 16.21 -13.67
C16 BBQ G . 11.10 14.78 -14.25
N2 BBQ G . 10.70 15.00 -15.66
C12 BBQ G . 9.66 14.33 -16.24
C5 BBQ G . 9.14 14.83 -17.62
N1 BBQ G . 9.07 13.64 -18.45
C6 BBQ G . 10.18 13.25 -19.10
O2 BBQ G . 10.12 12.05 -19.63
C7 BBQ G . 11.16 11.64 -20.53
C8 BBQ G . 10.59 10.47 -21.34
C9 BBQ G . 11.05 9.23 -20.57
C10 BBQ G . 12.44 9.58 -20.03
C11 BBQ G . 12.37 11.09 -19.75
O1 BBQ G . 11.20 13.86 -19.12
C2 BBQ G . 7.79 15.62 -17.64
C1 BBQ G . 7.45 16.01 -19.10
C3 BBQ G . 6.56 14.87 -17.05
C4 BBQ G . 7.94 16.94 -16.84
O3 BBQ G . 9.16 13.34 -15.74
C15 BBQ G . 12.31 15.70 -14.06
C14 BBQ G . 12.81 15.96 -15.49
C13 BBQ G . 11.54 15.99 -16.32
O7 BBQ G . 13.52 14.83 -15.99
C21 BBQ G . 14.88 14.74 -15.72
N4 BBQ G . 15.57 15.75 -15.11
C22 BBQ G . 16.92 15.70 -14.96
C23 BBQ G . 17.66 14.57 -15.35
C24 BBQ G . 16.98 13.47 -15.94
C29 BBQ G . 15.58 13.56 -16.14
C25 BBQ G . 17.71 12.33 -16.39
C26 BBQ G . 17.03 11.32 -17.11
C27 BBQ G . 15.62 11.37 -17.27
C28 BBQ G . 14.91 12.50 -16.81
ZN ZN H . -2.72 -6.36 -8.27
MG MG I . 3.44 -2.50 4.90
#